data_5N4H
#
_entry.id   5N4H
#
_cell.length_a   71.740
_cell.length_b   71.740
_cell.length_c   143.990
_cell.angle_alpha   90.00
_cell.angle_beta   90.00
_cell.angle_gamma   120.00
#
_symmetry.space_group_name_H-M   'H 3'
#
loop_
_entity.id
_entity.type
_entity.pdbx_description
1 polymer Dystroglycan
2 non-polymer 1,2-ETHANEDIOL
3 non-polymer DI(HYDROXYETHYL)ETHER
4 water water
#
_entity_poly.entity_id   1
_entity_poly.type   'polypeptide(L)'
_entity_poly.pdbx_seq_one_letter_code
;VLSDFQEAVPTVVGIPDGTAVVGRSFRVSIPTDLIASSGEIIKVSAAGKEALPSWLHWNPHSHILEGLPLDTDKGVHYIS
VSAARLGANGSHVPQTSSVFSIEVYPEDHNEPQSVRAASSDPGEVVPSACAADEPVTVLTVILDADLTKMTPKQRIDLLN
RMQSFSEVELHNMKLVPVVNNRLFDMSAFMAGPGNAKKVVENGALLSWKLGCSLNQNSVPDIRGVETPAREGAMSAQLGY
PVVGWHIANKKPTLPKRLRRQIH
;
_entity_poly.pdbx_strand_id   A
#
loop_
_chem_comp.id
_chem_comp.type
_chem_comp.name
_chem_comp.formula
EDO non-polymer 1,2-ETHANEDIOL 'C2 H6 O2'
PEG non-polymer DI(HYDROXYETHYL)ETHER 'C4 H10 O3'
#
# COMPACT_ATOMS: atom_id res chain seq x y z
N ALA A 8 -25.44 -32.26 -0.19
CA ALA A 8 -26.85 -31.91 -0.05
C ALA A 8 -27.01 -30.46 0.39
N VAL A 9 -27.85 -29.73 -0.35
CA VAL A 9 -28.10 -28.30 -0.15
C VAL A 9 -26.78 -27.57 0.06
N PRO A 10 -26.07 -27.28 -1.02
CA PRO A 10 -24.89 -26.43 -0.92
C PRO A 10 -25.27 -25.02 -0.44
N THR A 11 -24.31 -24.40 0.23
CA THR A 11 -24.38 -23.03 0.69
C THR A 11 -23.64 -22.12 -0.28
N VAL A 12 -24.21 -20.93 -0.48
CA VAL A 12 -23.69 -19.91 -1.38
C VAL A 12 -23.26 -18.72 -0.53
N VAL A 13 -22.04 -18.26 -0.70
CA VAL A 13 -21.57 -17.13 0.05
C VAL A 13 -21.29 -16.01 -0.93
N GLY A 14 -21.91 -14.85 -0.71
CA GLY A 14 -21.59 -13.65 -1.45
C GLY A 14 -20.58 -12.84 -0.67
N ILE A 15 -19.56 -12.37 -1.37
CA ILE A 15 -18.57 -11.47 -0.79
C ILE A 15 -18.80 -10.08 -1.37
N PRO A 16 -18.84 -9.03 -0.56
CA PRO A 16 -19.15 -7.70 -1.09
C PRO A 16 -17.96 -7.12 -1.83
N ASP A 17 -18.27 -6.25 -2.79
CA ASP A 17 -17.19 -5.66 -3.57
C ASP A 17 -16.46 -4.67 -2.71
N GLY A 18 -15.21 -4.43 -3.10
CA GLY A 18 -14.32 -3.54 -2.36
C GLY A 18 -13.79 -2.41 -3.22
N THR A 19 -13.07 -1.49 -2.56
CA THR A 19 -12.45 -0.39 -3.28
C THR A 19 -11.02 -0.21 -2.78
N ALA A 20 -10.19 0.30 -3.65
CA ALA A 20 -8.79 0.54 -3.35
C ALA A 20 -8.37 1.82 -4.04
N VAL A 21 -7.25 2.38 -3.63
CA VAL A 21 -6.77 3.63 -4.20
C VAL A 21 -5.28 3.48 -4.47
N VAL A 22 -4.85 3.89 -5.66
CA VAL A 22 -3.44 3.85 -6.03
C VAL A 22 -2.60 4.46 -4.92
N GLY A 23 -1.58 3.75 -4.51
CA GLY A 23 -0.65 4.26 -3.50
C GLY A 23 -1.06 4.06 -2.06
N ARG A 24 -2.22 3.44 -1.80
CA ARG A 24 -2.71 3.27 -0.44
C ARG A 24 -2.88 1.80 -0.14
N SER A 25 -2.58 1.40 1.09
CA SER A 25 -2.68 -0.02 1.46
C SER A 25 -4.13 -0.47 1.41
N PHE A 26 -4.30 -1.72 1.00
CA PHE A 26 -5.60 -2.39 0.89
C PHE A 26 -5.59 -3.66 1.75
N ARG A 27 -6.70 -3.91 2.46
CA ARG A 27 -6.73 -5.08 3.31
C ARG A 27 -8.18 -5.49 3.52
N VAL A 28 -8.51 -6.76 3.26
CA VAL A 28 -9.86 -7.25 3.51
C VAL A 28 -9.78 -8.68 4.05
N SER A 29 -10.67 -9.01 4.98
CA SER A 29 -10.81 -10.38 5.46
C SER A 29 -11.77 -11.14 4.56
N ILE A 30 -11.39 -12.36 4.20
CA ILE A 30 -12.23 -13.23 3.35
C ILE A 30 -12.82 -14.30 4.25
N PRO A 31 -14.16 -14.57 4.15
CA PRO A 31 -14.86 -15.47 5.10
C PRO A 31 -14.67 -16.94 4.76
N THR A 32 -13.43 -17.42 4.86
CA THR A 32 -13.13 -18.78 4.40
C THR A 32 -13.86 -19.84 5.22
N ASP A 33 -14.11 -19.58 6.50
CA ASP A 33 -14.83 -20.56 7.32
C ASP A 33 -16.26 -20.76 6.85
N LEU A 34 -16.85 -19.80 6.14
CA LEU A 34 -18.17 -20.01 5.56
C LEU A 34 -18.07 -20.71 4.21
N ILE A 35 -17.00 -20.46 3.47
CA ILE A 35 -16.90 -20.96 2.10
C ILE A 35 -16.40 -22.38 2.12
N ALA A 36 -15.53 -22.71 3.04
CA ALA A 36 -14.92 -24.02 3.05
C ALA A 36 -15.56 -24.85 4.16
N SER A 37 -16.39 -25.79 3.77
CA SER A 37 -16.71 -26.91 4.64
C SER A 37 -15.42 -27.60 5.05
N SER A 38 -15.39 -28.08 6.28
CA SER A 38 -14.18 -28.64 6.85
C SER A 38 -13.49 -29.56 5.85
N GLY A 39 -12.16 -29.46 5.80
CA GLY A 39 -11.35 -30.27 4.91
C GLY A 39 -11.11 -29.69 3.53
N GLU A 40 -11.79 -28.62 3.14
CA GLU A 40 -11.68 -28.14 1.78
C GLU A 40 -10.53 -27.17 1.64
N ILE A 41 -9.95 -27.14 0.45
CA ILE A 41 -8.80 -26.29 0.16
C ILE A 41 -9.31 -25.01 -0.47
N ILE A 42 -8.82 -23.88 0.01
CA ILE A 42 -9.20 -22.58 -0.49
C ILE A 42 -8.17 -22.10 -1.51
N LYS A 43 -8.68 -21.55 -2.60
CA LYS A 43 -7.82 -20.89 -3.58
C LYS A 43 -8.38 -19.49 -3.82
N VAL A 44 -7.48 -18.50 -3.86
CA VAL A 44 -7.86 -17.11 -4.12
C VAL A 44 -7.04 -16.61 -5.31
N SER A 45 -7.72 -16.16 -6.35
CA SER A 45 -7.04 -15.79 -7.59
C SER A 45 -7.81 -14.69 -8.28
N ALA A 46 -7.20 -14.12 -9.31
CA ALA A 46 -7.94 -13.33 -10.26
C ALA A 46 -8.94 -14.27 -10.92
N ALA A 47 -10.15 -13.81 -11.12
CA ALA A 47 -11.15 -14.70 -11.75
C ALA A 47 -10.63 -15.19 -13.09
N GLY A 48 -10.68 -16.49 -13.31
CA GLY A 48 -10.32 -17.05 -14.58
C GLY A 48 -8.85 -17.28 -14.77
N LYS A 49 -8.04 -17.02 -13.74
CA LYS A 49 -6.61 -17.29 -13.72
C LYS A 49 -6.26 -18.09 -12.47
N GLU A 50 -5.01 -18.57 -12.40
CA GLU A 50 -4.54 -19.21 -11.18
C GLU A 50 -3.85 -18.22 -10.23
N ALA A 51 -3.33 -17.12 -10.73
CA ALA A 51 -2.63 -16.16 -9.87
C ALA A 51 -3.54 -15.00 -9.50
N LEU A 52 -3.17 -14.30 -8.42
CA LEU A 52 -3.78 -13.02 -8.11
C LEU A 52 -3.27 -11.92 -9.07
N PRO A 53 -3.99 -10.83 -9.19
CA PRO A 53 -3.41 -9.60 -9.75
C PRO A 53 -2.09 -9.26 -9.06
N SER A 54 -1.20 -8.56 -9.78
CA SER A 54 0.15 -8.35 -9.29
C SER A 54 0.21 -7.50 -8.04
N TRP A 55 -0.85 -6.80 -7.69
CA TRP A 55 -0.81 -5.88 -6.56
C TRP A 55 -1.34 -6.49 -5.28
N LEU A 56 -1.83 -7.73 -5.33
CA LEU A 56 -2.47 -8.37 -4.21
C LEU A 56 -1.70 -9.58 -3.72
N HIS A 57 -1.91 -9.89 -2.45
CA HIS A 57 -1.28 -11.02 -1.78
C HIS A 57 -2.30 -11.68 -0.85
N TRP A 58 -2.34 -13.01 -0.86
CA TRP A 58 -3.28 -13.77 -0.05
C TRP A 58 -2.52 -14.44 1.10
N ASN A 59 -3.00 -14.21 2.32
CA ASN A 59 -2.52 -14.87 3.53
C ASN A 59 -3.50 -15.95 3.94
N PRO A 60 -3.20 -17.21 3.68
CA PRO A 60 -4.19 -18.28 3.93
C PRO A 60 -4.49 -18.53 5.39
N HIS A 61 -3.56 -18.26 6.28
CA HIS A 61 -3.75 -18.58 7.69
C HIS A 61 -4.49 -17.50 8.44
N SER A 62 -4.34 -16.24 8.03
CA SER A 62 -5.10 -15.13 8.60
C SER A 62 -6.37 -14.81 7.82
N HIS A 63 -6.53 -15.38 6.63
CA HIS A 63 -7.67 -15.08 5.76
C HIS A 63 -7.71 -13.62 5.34
N ILE A 64 -6.54 -13.00 5.15
CA ILE A 64 -6.43 -11.59 4.76
C ILE A 64 -5.93 -11.53 3.33
N LEU A 65 -6.65 -10.79 2.50
CA LEU A 65 -6.22 -10.39 1.18
C LEU A 65 -5.75 -8.93 1.27
N GLU A 66 -4.50 -8.68 0.87
CA GLU A 66 -3.93 -7.35 1.10
C GLU A 66 -3.16 -6.90 -0.14
N GLY A 67 -2.93 -5.59 -0.26
CA GLY A 67 -2.11 -5.19 -1.39
C GLY A 67 -1.82 -3.72 -1.35
N LEU A 68 -1.11 -3.27 -2.38
CA LEU A 68 -0.76 -1.85 -2.54
C LEU A 68 -0.70 -1.62 -4.04
N PRO A 69 -1.72 -0.97 -4.63
CA PRO A 69 -1.77 -0.85 -6.08
C PRO A 69 -0.95 0.30 -6.60
N LEU A 70 -0.45 0.12 -7.81
CA LEU A 70 0.21 1.12 -8.64
C LEU A 70 -0.76 1.71 -9.66
N ASP A 71 -0.33 2.79 -10.31
CA ASP A 71 -1.18 3.44 -11.30
C ASP A 71 -1.61 2.47 -12.40
N THR A 72 -0.74 1.53 -12.75
CA THR A 72 -1.07 0.53 -13.76
C THR A 72 -2.09 -0.51 -13.29
N ASP A 73 -2.47 -0.53 -12.01
CA ASP A 73 -3.52 -1.40 -11.50
C ASP A 73 -4.90 -0.72 -11.43
N LYS A 74 -5.03 0.51 -11.95
CA LYS A 74 -6.32 1.21 -11.92
C LYS A 74 -7.36 0.35 -12.61
N GLY A 75 -8.57 0.36 -12.10
CA GLY A 75 -9.70 -0.35 -12.73
C GLY A 75 -10.23 -1.46 -11.85
N VAL A 76 -11.10 -2.31 -12.45
CA VAL A 76 -11.82 -3.32 -11.67
C VAL A 76 -11.09 -4.64 -11.77
N HIS A 77 -10.95 -5.31 -10.63
CA HIS A 77 -10.31 -6.62 -10.55
C HIS A 77 -11.30 -7.63 -10.00
N TYR A 78 -11.67 -8.64 -10.78
CA TYR A 78 -12.50 -9.68 -10.24
C TYR A 78 -11.64 -10.75 -9.59
N ILE A 79 -12.06 -11.16 -8.40
CA ILE A 79 -11.33 -12.10 -7.56
C ILE A 79 -12.23 -13.29 -7.27
N SER A 80 -11.70 -14.48 -7.46
CA SER A 80 -12.39 -15.73 -7.20
C SER A 80 -11.87 -16.36 -5.91
N VAL A 81 -12.78 -16.70 -5.03
CA VAL A 81 -12.50 -17.47 -3.83
C VAL A 81 -13.20 -18.82 -4.01
N SER A 82 -12.40 -19.87 -4.12
CA SER A 82 -12.98 -21.18 -4.44
C SER A 82 -12.58 -22.20 -3.38
N ALA A 83 -13.41 -23.22 -3.21
CA ALA A 83 -13.12 -24.29 -2.26
C ALA A 83 -13.18 -25.59 -3.03
N ALA A 84 -12.20 -26.46 -2.77
CA ALA A 84 -12.08 -27.71 -3.49
C ALA A 84 -11.81 -28.82 -2.49
N ARG A 85 -12.36 -29.99 -2.78
CA ARG A 85 -12.10 -31.18 -2.01
C ARG A 85 -10.89 -31.89 -2.59
N LEU A 86 -9.98 -32.29 -1.73
CA LEU A 86 -8.84 -33.10 -2.13
C LEU A 86 -9.28 -34.54 -2.22
N GLY A 87 -9.15 -35.13 -3.40
CA GLY A 87 -9.57 -36.49 -3.57
C GLY A 87 -8.53 -37.49 -3.12
N ALA A 88 -8.96 -38.75 -2.92
CA ALA A 88 -8.04 -39.81 -2.51
C ALA A 88 -6.87 -39.93 -3.49
N ASN A 89 -7.08 -39.56 -4.75
CA ASN A 89 -6.04 -39.67 -5.76
C ASN A 89 -5.26 -38.39 -5.93
N GLY A 90 -5.50 -37.40 -5.08
CA GLY A 90 -4.78 -36.15 -5.12
C GLY A 90 -5.41 -35.07 -5.96
N SER A 91 -6.51 -35.37 -6.65
CA SER A 91 -7.15 -34.35 -7.45
C SER A 91 -7.78 -33.27 -6.58
N HIS A 92 -7.96 -32.10 -7.16
CA HIS A 92 -8.75 -31.03 -6.56
C HIS A 92 -10.11 -31.00 -7.24
N VAL A 93 -11.15 -31.35 -6.50
CA VAL A 93 -12.52 -31.33 -7.02
C VAL A 93 -13.19 -30.02 -6.62
N PRO A 94 -13.31 -29.03 -7.50
CA PRO A 94 -13.90 -27.76 -7.06
C PRO A 94 -15.35 -27.97 -6.61
N GLN A 95 -15.69 -27.38 -5.47
CA GLN A 95 -17.02 -27.45 -4.89
C GLN A 95 -17.81 -26.16 -5.09
N THR A 96 -17.20 -25.01 -4.80
CA THR A 96 -17.90 -23.74 -4.89
C THR A 96 -16.89 -22.66 -5.29
N SER A 97 -17.41 -21.58 -5.89
CA SER A 97 -16.58 -20.42 -6.24
C SER A 97 -17.42 -19.19 -5.90
N SER A 98 -16.81 -18.23 -5.24
CA SER A 98 -17.48 -17.00 -4.88
C SER A 98 -16.62 -15.88 -5.46
N VAL A 99 -17.22 -14.98 -6.23
CA VAL A 99 -16.46 -13.94 -6.94
C VAL A 99 -16.95 -12.56 -6.53
N PHE A 100 -16.01 -11.65 -6.26
CA PHE A 100 -16.33 -10.27 -5.97
C PHE A 100 -15.34 -9.43 -6.76
N SER A 101 -15.50 -8.12 -6.77
CA SER A 101 -14.54 -7.30 -7.47
C SER A 101 -14.04 -6.22 -6.54
N ILE A 102 -12.86 -5.72 -6.90
CA ILE A 102 -12.22 -4.59 -6.22
C ILE A 102 -11.93 -3.54 -7.28
N GLU A 103 -12.41 -2.31 -7.07
CA GLU A 103 -12.17 -1.24 -8.02
C GLU A 103 -11.05 -0.41 -7.44
N VAL A 104 -9.97 -0.27 -8.21
CA VAL A 104 -8.83 0.57 -7.82
C VAL A 104 -9.03 1.93 -8.45
N TYR A 105 -9.15 2.93 -7.61
CA TYR A 105 -9.31 4.32 -8.04
C TYR A 105 -7.96 5.04 -8.11
N PRO A 106 -7.86 6.07 -8.94
CA PRO A 106 -6.54 6.69 -9.18
C PRO A 106 -6.01 7.60 -8.09
N GLU A 107 -6.81 8.19 -7.20
CA GLU A 107 -6.20 9.26 -6.41
C GLU A 107 -6.79 9.40 -5.04
N ASP A 108 -5.89 9.50 -4.05
CA ASP A 108 -6.28 9.68 -2.66
C ASP A 108 -6.27 11.15 -2.26
N HIS A 109 -5.84 12.03 -3.17
CA HIS A 109 -5.90 13.48 -2.98
C HIS A 109 -5.15 13.91 -1.72
N ASN A 110 -4.18 13.09 -1.34
CA ASN A 110 -3.36 13.33 -0.17
C ASN A 110 -4.14 13.36 1.12
N GLU A 111 -5.36 12.83 1.11
CA GLU A 111 -6.22 12.82 2.27
C GLU A 111 -6.33 11.41 2.84
N PRO A 112 -6.03 11.22 4.13
CA PRO A 112 -6.27 9.91 4.75
C PRO A 112 -7.66 9.35 4.44
N GLN A 113 -8.67 10.22 4.38
CA GLN A 113 -10.10 9.90 4.18
C GLN A 113 -10.75 9.60 5.52
N ALA A 129 -10.68 15.96 6.85
CA ALA A 129 -10.13 16.51 5.62
C ALA A 129 -9.92 18.01 5.74
N CYS A 130 -9.03 18.57 4.93
CA CYS A 130 -8.83 20.00 4.88
C CYS A 130 -10.00 20.68 4.17
N ALA A 131 -10.16 21.96 4.48
CA ALA A 131 -11.22 22.76 3.88
C ALA A 131 -11.04 22.82 2.38
N ALA A 132 -12.11 23.16 1.69
CA ALA A 132 -12.03 23.25 0.24
C ALA A 132 -10.97 24.25 -0.19
N ASP A 133 -10.25 23.90 -1.25
CA ASP A 133 -9.19 24.74 -1.81
C ASP A 133 -8.15 25.16 -0.78
N GLU A 134 -8.07 24.45 0.35
CA GLU A 134 -7.03 24.71 1.35
C GLU A 134 -5.90 23.71 1.15
N PRO A 135 -4.66 24.14 0.97
CA PRO A 135 -3.60 23.18 0.66
C PRO A 135 -3.36 22.21 1.81
N VAL A 136 -2.95 21.00 1.43
CA VAL A 136 -2.62 19.96 2.40
C VAL A 136 -1.12 19.99 2.63
N THR A 137 -0.71 19.99 3.90
CA THR A 137 0.70 19.93 4.22
C THR A 137 1.12 18.47 4.26
N VAL A 138 2.05 18.11 3.37
CA VAL A 138 2.46 16.73 3.17
C VAL A 138 3.95 16.60 3.46
N LEU A 139 4.32 15.58 4.25
CA LEU A 139 5.72 15.20 4.40
C LEU A 139 5.99 14.02 3.47
N THR A 140 7.00 14.14 2.62
CA THR A 140 7.40 13.09 1.68
C THR A 140 8.80 12.62 1.99
N VAL A 141 9.00 11.32 2.09
CA VAL A 141 10.34 10.73 2.14
C VAL A 141 10.63 10.07 0.80
N ILE A 142 11.75 10.45 0.21
CA ILE A 142 12.18 9.96 -1.10
C ILE A 142 13.13 8.79 -0.87
N LEU A 143 12.81 7.63 -1.44
CA LEU A 143 13.56 6.40 -1.25
C LEU A 143 14.15 5.92 -2.56
N ASP A 144 15.33 5.30 -2.48
CA ASP A 144 15.97 4.67 -3.63
C ASP A 144 15.41 3.27 -3.77
N ALA A 145 14.25 3.19 -4.42
CA ALA A 145 13.47 1.96 -4.53
C ALA A 145 12.69 2.01 -5.84
N ASP A 146 12.32 0.83 -6.34
CA ASP A 146 11.47 0.73 -7.52
C ASP A 146 10.28 -0.17 -7.14
N LEU A 147 9.12 0.45 -6.94
CA LEU A 147 7.93 -0.26 -6.49
C LEU A 147 7.53 -1.32 -7.47
N THR A 148 7.87 -1.15 -8.76
CA THR A 148 7.45 -2.16 -9.74
C THR A 148 8.28 -3.42 -9.63
N LYS A 149 9.40 -3.37 -8.90
CA LYS A 149 10.27 -4.48 -8.63
C LYS A 149 9.96 -5.14 -7.30
N MET A 150 8.98 -4.65 -6.57
CA MET A 150 8.67 -5.11 -5.22
C MET A 150 7.39 -5.91 -5.27
N THR A 151 7.31 -6.96 -4.47
CA THR A 151 6.05 -7.68 -4.33
C THR A 151 5.05 -6.86 -3.52
N PRO A 152 3.77 -7.22 -3.56
CA PRO A 152 2.81 -6.51 -2.67
C PRO A 152 3.18 -6.58 -1.21
N LYS A 153 3.66 -7.75 -0.76
CA LYS A 153 4.05 -7.88 0.62
C LYS A 153 5.19 -6.91 0.93
N GLN A 154 6.14 -6.78 0.01
CA GLN A 154 7.28 -5.88 0.26
C GLN A 154 6.83 -4.42 0.32
N ARG A 155 5.87 -4.04 -0.54
CA ARG A 155 5.33 -2.69 -0.53
C ARG A 155 4.68 -2.39 0.80
N ILE A 156 3.87 -3.32 1.28
CA ILE A 156 3.18 -3.15 2.57
C ILE A 156 4.18 -3.12 3.72
N ASP A 157 5.21 -3.95 3.68
N ASP A 157 5.16 -4.03 3.70
CA ASP A 157 6.15 -3.98 4.80
CA ASP A 157 6.23 -4.06 4.71
C ASP A 157 7.00 -2.74 4.84
C ASP A 157 6.89 -2.70 4.82
N LEU A 158 7.27 -2.11 3.69
CA LEU A 158 7.92 -0.81 3.72
C LEU A 158 7.06 0.23 4.41
N LEU A 159 5.75 0.28 4.12
CA LEU A 159 4.87 1.19 4.84
C LEU A 159 4.87 0.89 6.33
N ASN A 160 4.76 -0.38 6.69
CA ASN A 160 4.74 -0.79 8.09
C ASN A 160 5.97 -0.26 8.81
N ARG A 161 7.14 -0.36 8.16
N ARG A 161 7.14 -0.36 8.18
CA ARG A 161 8.42 0.01 8.77
CA ARG A 161 8.40 0.00 8.81
C ARG A 161 8.55 1.51 8.96
C ARG A 161 8.66 1.50 8.81
N MET A 162 7.76 2.29 8.24
CA MET A 162 7.85 3.75 8.35
C MET A 162 7.07 4.28 9.55
N GLN A 163 6.18 3.47 10.14
CA GLN A 163 5.28 3.91 11.18
C GLN A 163 6.04 4.49 12.38
N SER A 164 7.18 3.89 12.74
CA SER A 164 7.96 4.40 13.88
C SER A 164 8.30 5.87 13.72
N PHE A 165 8.52 6.29 12.48
CA PHE A 165 8.99 7.65 12.16
C PHE A 165 7.85 8.60 11.88
N SER A 166 6.83 8.12 11.14
CA SER A 166 5.72 8.99 10.75
C SER A 166 4.74 9.18 11.87
N GLU A 167 4.62 8.19 12.75
CA GLU A 167 3.56 8.15 13.75
C GLU A 167 2.19 8.22 13.09
N VAL A 168 2.12 7.68 11.88
CA VAL A 168 0.89 7.57 11.11
C VAL A 168 0.68 6.09 10.85
N GLU A 169 -0.56 5.65 10.92
CA GLU A 169 -0.84 4.24 10.69
C GLU A 169 -0.63 3.89 9.22
N LEU A 170 -0.26 2.62 8.98
CA LEU A 170 -0.02 2.04 7.66
C LEU A 170 -1.02 2.56 6.64
N HIS A 171 -2.28 2.48 6.97
CA HIS A 171 -3.31 2.75 5.98
C HIS A 171 -3.49 4.22 5.70
N ASN A 172 -2.79 5.12 6.42
CA ASN A 172 -2.86 6.53 6.12
C ASN A 172 -1.58 7.09 5.49
N MET A 173 -0.62 6.27 5.17
CA MET A 173 0.51 6.69 4.35
C MET A 173 0.25 6.38 2.88
N LYS A 174 1.03 7.00 2.02
CA LYS A 174 0.93 6.88 0.57
C LYS A 174 2.29 6.49 0.04
N LEU A 175 2.31 5.58 -0.93
CA LEU A 175 3.55 5.07 -1.51
C LEU A 175 3.39 4.97 -3.02
N VAL A 176 4.13 5.79 -3.77
CA VAL A 176 4.02 5.84 -5.23
C VAL A 176 5.39 6.02 -5.87
N PRO A 177 5.53 5.67 -7.13
CA PRO A 177 6.83 5.93 -7.81
C PRO A 177 7.12 7.40 -8.03
N VAL A 178 8.42 7.69 -8.05
CA VAL A 178 8.89 8.93 -8.64
C VAL A 178 8.47 9.00 -10.11
N VAL A 179 8.08 10.19 -10.54
CA VAL A 179 7.78 10.43 -11.94
C VAL A 179 8.70 11.50 -12.50
N ASN A 180 8.99 11.35 -13.79
CA ASN A 180 9.86 12.25 -14.53
C ASN A 180 11.19 12.42 -13.84
N ASN A 181 11.58 11.40 -13.08
CA ASN A 181 12.89 11.34 -12.45
C ASN A 181 13.14 12.52 -11.52
N ARG A 182 12.09 13.09 -10.95
CA ARG A 182 12.23 14.24 -10.06
C ARG A 182 12.40 13.81 -8.60
N LEU A 183 13.61 13.94 -8.08
CA LEU A 183 13.94 13.58 -6.69
C LEU A 183 13.94 14.79 -5.76
N PHE A 184 13.06 15.75 -5.99
CA PHE A 184 13.01 16.96 -5.18
C PHE A 184 11.64 17.60 -5.37
N ASP A 185 11.31 18.56 -4.50
CA ASP A 185 10.11 19.36 -4.68
C ASP A 185 10.53 20.78 -4.36
N MET A 186 10.64 21.63 -5.39
CA MET A 186 11.15 22.97 -5.20
C MET A 186 10.20 23.87 -4.42
N SER A 187 8.94 23.49 -4.24
CA SER A 187 8.00 24.25 -3.42
C SER A 187 8.12 23.93 -1.93
N ALA A 188 8.97 23.00 -1.56
CA ALA A 188 9.03 22.54 -0.18
C ALA A 188 9.63 23.67 0.67
N PHE A 189 9.03 23.91 1.83
CA PHE A 189 9.56 24.96 2.73
C PHE A 189 10.41 24.44 3.86
N MET A 190 10.48 23.13 4.03
CA MET A 190 11.43 22.43 4.87
C MET A 190 11.86 21.17 4.16
N ALA A 191 13.09 20.75 4.37
CA ALA A 191 13.61 19.55 3.72
C ALA A 191 14.98 19.24 4.29
N GLY A 192 15.45 18.03 3.98
CA GLY A 192 16.75 17.61 4.39
C GLY A 192 17.18 16.32 3.75
N PRO A 193 18.41 15.95 4.02
CA PRO A 193 19.07 14.87 3.31
C PRO A 193 18.83 13.53 3.97
N GLY A 194 19.01 12.50 3.17
CA GLY A 194 19.07 11.15 3.69
C GLY A 194 20.47 10.63 3.81
N ASN A 195 20.60 9.33 3.68
CA ASN A 195 21.89 8.66 3.77
C ASN A 195 22.45 8.33 2.42
N ALA A 196 21.61 8.30 1.39
CA ALA A 196 22.09 7.92 0.07
C ALA A 196 23.01 8.97 -0.52
N LYS A 197 24.00 8.49 -1.25
CA LYS A 197 24.90 9.33 -2.04
C LYS A 197 24.68 9.18 -3.54
N LYS A 198 24.06 8.09 -3.94
CA LYS A 198 23.77 7.74 -5.33
C LYS A 198 22.29 7.34 -5.34
N VAL A 199 21.62 7.49 -6.46
CA VAL A 199 20.27 6.95 -6.57
C VAL A 199 20.27 6.00 -7.74
N VAL A 200 20.14 4.69 -7.47
CA VAL A 200 20.30 3.69 -8.51
C VAL A 200 18.96 3.38 -9.16
N GLU A 201 17.89 3.37 -8.38
CA GLU A 201 16.58 3.01 -8.90
C GLU A 201 15.77 4.23 -9.30
N ASN A 202 14.61 3.96 -9.88
CA ASN A 202 13.74 5.07 -10.28
C ASN A 202 13.36 5.97 -9.11
N GLY A 203 13.13 5.39 -7.95
CA GLY A 203 12.76 6.12 -6.76
C GLY A 203 11.29 5.94 -6.39
N ALA A 204 11.02 6.06 -5.10
CA ALA A 204 9.67 5.97 -4.57
C ALA A 204 9.43 7.10 -3.59
N LEU A 205 8.20 7.54 -3.52
CA LEU A 205 7.79 8.62 -2.64
C LEU A 205 6.86 8.06 -1.59
N LEU A 206 7.26 8.15 -0.34
CA LEU A 206 6.43 7.67 0.79
C LEU A 206 6.02 8.87 1.60
N SER A 207 4.72 9.16 1.63
CA SER A 207 4.25 10.44 2.14
C SER A 207 3.07 10.30 3.07
N TRP A 208 2.86 11.36 3.87
CA TRP A 208 1.71 11.43 4.74
C TRP A 208 1.36 12.86 5.05
N LYS A 209 0.12 13.05 5.53
CA LYS A 209 -0.39 14.38 5.87
C LYS A 209 0.03 14.81 7.26
N LEU A 210 0.50 16.05 7.36
CA LEU A 210 0.80 16.69 8.63
C LEU A 210 -0.29 17.61 9.12
N GLY A 211 -1.01 18.24 8.21
CA GLY A 211 -2.08 19.15 8.58
C GLY A 211 -2.54 19.94 7.37
N CYS A 212 -3.22 21.05 7.65
CA CYS A 212 -3.80 21.89 6.61
C CYS A 212 -3.14 23.26 6.65
N SER A 213 -2.61 23.70 5.51
CA SER A 213 -2.07 25.06 5.38
C SER A 213 -1.06 25.40 6.48
N LEU A 214 -0.23 24.42 6.86
CA LEU A 214 0.80 24.70 7.85
C LEU A 214 1.93 25.51 7.22
N ASN A 215 2.75 26.08 8.09
CA ASN A 215 3.99 26.73 7.70
C ASN A 215 5.06 26.27 8.67
N GLN A 216 6.25 26.80 8.53
CA GLN A 216 7.35 26.26 9.30
C GLN A 216 7.05 26.32 10.80
N ASN A 217 6.35 27.36 11.23
CA ASN A 217 6.12 27.57 12.65
C ASN A 217 5.04 26.66 13.21
N SER A 218 4.17 26.10 12.37
CA SER A 218 3.07 25.28 12.86
C SER A 218 3.21 23.81 12.52
N VAL A 219 4.26 23.44 11.80
CA VAL A 219 4.58 22.03 11.57
C VAL A 219 4.93 21.37 12.91
N PRO A 220 4.46 20.16 13.18
CA PRO A 220 4.87 19.43 14.38
C PRO A 220 6.37 19.16 14.40
N ASP A 221 6.83 18.64 15.54
CA ASP A 221 8.23 18.27 15.70
C ASP A 221 8.59 17.18 14.69
N ILE A 222 9.55 17.44 13.83
CA ILE A 222 9.94 16.45 12.82
C ILE A 222 11.35 15.91 13.04
N ARG A 223 11.95 16.16 14.21
CA ARG A 223 13.27 15.62 14.47
C ARG A 223 13.29 14.12 14.36
N GLY A 224 12.17 13.46 14.67
CA GLY A 224 12.15 12.02 14.61
C GLY A 224 12.13 11.47 13.21
N VAL A 225 11.94 12.33 12.22
CA VAL A 225 12.14 12.01 10.81
C VAL A 225 13.52 12.45 10.33
N GLU A 226 13.86 13.73 10.56
CA GLU A 226 15.05 14.33 9.95
C GLU A 226 16.34 13.69 10.48
N THR A 227 16.39 13.39 11.79
CA THR A 227 17.63 12.85 12.35
C THR A 227 17.88 11.42 11.90
N PRO A 228 16.93 10.49 12.01
CA PRO A 228 17.24 9.14 11.50
C PRO A 228 17.41 9.11 9.99
N ALA A 229 16.76 10.00 9.24
CA ALA A 229 16.99 10.07 7.81
C ALA A 229 18.45 10.36 7.50
N ARG A 230 18.99 11.41 8.10
CA ARG A 230 20.35 11.80 7.76
C ARG A 230 21.37 10.82 8.31
N GLU A 231 21.12 10.21 9.48
CA GLU A 231 22.12 9.37 10.15
C GLU A 231 22.17 7.94 9.60
N GLY A 232 21.14 7.54 8.89
CA GLY A 232 21.09 6.20 8.32
C GLY A 232 20.24 5.24 9.11
N ALA A 233 19.74 5.65 10.29
CA ALA A 233 18.86 4.79 11.06
C ALA A 233 17.54 4.58 10.33
N MET A 234 17.05 5.56 9.57
CA MET A 234 15.78 5.33 8.89
C MET A 234 15.96 4.27 7.81
N SER A 235 16.98 4.43 6.96
N SER A 235 16.97 4.46 6.96
CA SER A 235 17.18 3.43 5.90
CA SER A 235 17.28 3.50 5.92
C SER A 235 17.44 2.05 6.48
C SER A 235 17.43 2.09 6.49
N ALA A 236 18.16 1.97 7.60
CA ALA A 236 18.42 0.65 8.20
C ALA A 236 17.11 -0.02 8.61
N GLN A 237 16.13 0.76 9.05
CA GLN A 237 14.86 0.18 9.45
C GLN A 237 13.96 -0.08 8.24
N LEU A 238 13.93 0.85 7.26
CA LEU A 238 13.04 0.66 6.12
C LEU A 238 13.47 -0.45 5.18
N GLY A 239 14.77 -0.66 5.03
CA GLY A 239 15.31 -1.61 4.07
C GLY A 239 15.68 -1.01 2.73
N TYR A 240 15.61 0.32 2.59
CA TYR A 240 15.93 1.00 1.35
C TYR A 240 16.67 2.29 1.66
N PRO A 241 17.52 2.76 0.75
CA PRO A 241 18.26 4.02 1.03
C PRO A 241 17.30 5.18 0.99
N VAL A 242 17.56 6.16 1.85
CA VAL A 242 16.75 7.35 1.92
C VAL A 242 17.50 8.47 1.18
N VAL A 243 16.85 9.06 0.19
CA VAL A 243 17.45 10.11 -0.62
C VAL A 243 17.28 11.47 0.07
N GLY A 244 16.13 11.68 0.68
CA GLY A 244 15.85 12.92 1.40
C GLY A 244 14.40 12.94 1.83
N TRP A 245 14.03 14.06 2.44
CA TRP A 245 12.64 14.27 2.83
C TRP A 245 12.30 15.73 2.57
N HIS A 246 11.01 16.02 2.43
CA HIS A 246 10.59 17.42 2.31
C HIS A 246 9.16 17.59 2.78
N ILE A 247 8.83 18.81 3.20
CA ILE A 247 7.47 19.20 3.57
C ILE A 247 6.99 20.31 2.64
N ALA A 248 5.83 20.11 2.04
CA ALA A 248 5.30 21.05 1.08
C ALA A 248 3.78 21.10 1.19
N ASN A 249 3.20 22.25 0.85
CA ASN A 249 1.75 22.41 0.75
C ASN A 249 1.31 22.14 -0.68
N LYS A 250 0.43 21.15 -0.80
CA LYS A 250 -0.04 20.62 -2.08
C LYS A 250 -1.43 21.17 -2.37
N LYS A 251 -1.65 21.56 -3.62
CA LYS A 251 -2.94 22.13 -4.00
C LYS A 251 -4.01 21.05 -3.91
N PRO A 252 -5.20 21.37 -3.38
CA PRO A 252 -6.19 20.33 -3.12
C PRO A 252 -6.84 19.80 -4.40
N THR A 253 -7.30 18.57 -4.32
CA THR A 253 -7.89 17.90 -5.50
C THR A 253 -9.08 16.97 -5.15
C1 EDO B . 24.86 4.67 1.46
O1 EDO B . 25.66 5.86 1.57
C2 EDO B . 24.91 3.97 2.80
O2 EDO B . 24.28 4.74 3.83
H11 EDO B . 25.25 4.03 0.67
H12 EDO B . 23.83 4.95 1.22
HO1 EDO B . 25.65 6.33 0.72
H21 EDO B . 24.40 2.99 2.71
H22 EDO B . 25.95 3.77 3.07
HO2 EDO B . 24.33 4.26 4.67
C1 EDO C . 5.58 13.76 13.28
O1 EDO C . 5.56 12.62 14.14
C2 EDO C . 6.05 13.34 11.89
O2 EDO C . 4.96 12.71 11.18
H11 EDO C . 6.26 14.51 13.67
H12 EDO C . 4.59 14.20 13.20
HO1 EDO C . 5.26 12.88 15.02
H21 EDO C . 6.40 14.21 11.33
H22 EDO C . 6.88 12.63 11.98
HO2 EDO C . 5.26 12.44 10.30
C1 PEG D . -1.51 11.10 4.71
O1 PEG D . -1.81 10.89 6.07
C2 PEG D . -2.55 10.84 3.63
O2 PEG D . -1.93 10.07 2.58
C3 PEG D . -1.62 10.77 1.39
C4 PEG D . -0.56 11.85 1.66
O4 PEG D . 0.33 12.09 0.60
H11 PEG D . -1.19 12.15 4.61
H12 PEG D . -0.64 10.50 4.47
HO1 PEG D . -1.55 9.99 6.32
H21 PEG D . -2.92 11.78 3.23
H22 PEG D . -3.39 10.28 4.05
H31 PEG D . -1.25 10.07 0.64
H32 PEG D . -2.53 11.23 0.99
H41 PEG D . -1.07 12.80 1.91
H42 PEG D . 0.02 11.57 2.54
HO4 PEG D . 0.75 12.95 0.72
#